data_4AKC
#
_entry.id   4AKC
#
_cell.length_a   76.287
_cell.length_b   121.673
_cell.length_c   77.563
_cell.angle_alpha   90.00
_cell.angle_beta   90.00
_cell.angle_gamma   90.00
#
_symmetry.space_group_name_H-M   'P 21 21 2'
#
loop_
_entity.id
_entity.type
_entity.pdbx_description
1 polymer 'AGGLUTININ ALPHA CHAIN'
2 polymer 'AGGLUTININ BETA-4 CHAIN'
3 branched beta-D-galactopyranose-(1-3)-2-acetamido-2-deoxy-alpha-D-galactopyranose
4 water water
#
loop_
_entity_poly.entity_id
_entity_poly.type
_entity_poly.pdbx_seq_one_letter_code
_entity_poly.pdbx_strand_id
1 'polypeptide(L)'
;GKAFDDGAFTGIREINLSYNKETAIGDFQVVYDLNGSPYVGENHKSFITGFTPVKISLDFPSEYIMEVSGYTGKVSGYVV
VRSLTFKTNKKTYGPYGVTSGTPFSLPIENGLIVGFKGSIGYWLDYFSMYLSL
;
A,C,E,G
2 'polypeptide(L)' NEQSGISQTVIVGPWGAQVST B,D,F,H
#
# COMPACT_ATOMS: atom_id res chain seq x y z
N GLY A 1 -29.39 2.83 -11.75
CA GLY A 1 -29.16 4.22 -12.08
C GLY A 1 -27.86 4.47 -12.80
N LYS A 2 -27.30 5.68 -12.65
CA LYS A 2 -26.04 6.01 -13.29
C LYS A 2 -24.87 5.81 -12.31
N ALA A 3 -23.86 5.04 -12.76
CA ALA A 3 -22.64 4.76 -12.02
C ALA A 3 -21.70 5.97 -12.03
N PHE A 4 -20.94 6.10 -10.94
CA PHE A 4 -19.97 7.16 -10.81
C PHE A 4 -18.76 6.57 -10.13
N ASP A 5 -17.62 7.24 -10.28
CA ASP A 5 -16.35 6.80 -9.73
C ASP A 5 -15.44 8.02 -9.65
N ASP A 6 -15.27 8.54 -8.43
CA ASP A 6 -14.43 9.71 -8.20
C ASP A 6 -12.95 9.35 -8.28
N GLY A 7 -12.61 8.09 -8.03
CA GLY A 7 -11.21 7.65 -7.99
C GLY A 7 -10.62 7.87 -6.59
N ALA A 8 -9.31 7.78 -6.51
CA ALA A 8 -8.52 7.88 -5.27
C ALA A 8 -7.88 9.27 -5.05
N PHE A 9 -7.85 9.72 -3.78
CA PHE A 9 -7.30 11.01 -3.38
C PHE A 9 -6.41 10.88 -2.15
N THR A 10 -6.10 12.01 -1.49
CA THR A 10 -5.19 12.07 -0.34
C THR A 10 -5.93 12.08 1.02
N GLY A 11 -7.24 12.32 0.96
CA GLY A 11 -8.10 12.36 2.14
C GLY A 11 -9.46 12.97 1.87
N ILE A 12 -10.19 13.29 2.95
CA ILE A 12 -11.53 13.87 2.89
C ILE A 12 -11.60 15.20 3.64
N ARG A 13 -12.06 16.25 2.96
CA ARG A 13 -12.24 17.53 3.63
C ARG A 13 -13.71 17.84 3.94
N GLU A 14 -14.63 17.36 3.09
CA GLU A 14 -16.06 17.63 3.27
C GLU A 14 -16.94 16.60 2.54
N ILE A 15 -18.13 16.28 3.10
CA ILE A 15 -19.13 15.43 2.44
C ILE A 15 -20.45 16.22 2.32
N ASN A 16 -20.92 16.41 1.08
CA ASN A 16 -22.19 17.08 0.81
C ASN A 16 -23.12 15.99 0.29
N LEU A 17 -24.25 15.80 0.94
CA LEU A 17 -25.23 14.81 0.51
C LEU A 17 -26.64 15.32 0.77
N SER A 18 -27.63 14.59 0.27
CA SER A 18 -29.02 14.93 0.48
C SER A 18 -29.80 13.68 0.73
N TYR A 19 -30.87 13.78 1.53
CA TYR A 19 -31.70 12.65 1.92
C TYR A 19 -33.17 13.02 1.98
N ASN A 20 -34.02 11.98 2.00
CA ASN A 20 -35.44 12.13 2.20
C ASN A 20 -35.81 11.20 3.37
N LYS A 21 -36.58 11.74 4.34
CA LYS A 21 -36.97 11.02 5.56
C LYS A 21 -37.95 9.85 5.32
N GLU A 22 -38.52 9.74 4.11
CA GLU A 22 -39.47 8.69 3.71
C GLU A 22 -38.87 7.71 2.67
N THR A 23 -37.80 8.13 1.97
CA THR A 23 -37.16 7.30 0.95
C THR A 23 -35.73 6.84 1.27
N ALA A 24 -34.72 7.55 0.77
CA ALA A 24 -33.31 7.21 0.87
C ALA A 24 -32.40 8.42 0.67
N ILE A 25 -31.12 8.16 0.41
CA ILE A 25 -30.09 9.15 0.11
C ILE A 25 -30.27 9.53 -1.37
N GLY A 26 -30.16 10.80 -1.68
CA GLY A 26 -30.30 11.27 -3.04
C GLY A 26 -28.97 11.62 -3.65
N ASP A 27 -28.55 12.89 -3.49
CA ASP A 27 -27.29 13.39 -4.06
C ASP A 27 -26.11 13.07 -3.17
N PHE A 28 -24.93 12.90 -3.77
CA PHE A 28 -23.68 12.61 -3.08
C PHE A 28 -22.49 13.31 -3.75
N GLN A 29 -21.77 14.13 -2.95
CA GLN A 29 -20.64 14.94 -3.41
C GLN A 29 -19.56 15.02 -2.33
N VAL A 30 -18.28 14.85 -2.73
CA VAL A 30 -17.14 14.92 -1.82
C VAL A 30 -16.15 16.00 -2.23
N VAL A 31 -15.71 16.79 -1.23
CA VAL A 31 -14.62 17.75 -1.35
C VAL A 31 -13.46 16.96 -0.75
N TYR A 32 -12.56 16.52 -1.63
CA TYR A 32 -11.40 15.70 -1.29
C TYR A 32 -10.22 16.54 -0.93
N ASP A 33 -9.20 15.90 -0.37
CA ASP A 33 -7.92 16.52 -0.23
C ASP A 33 -7.10 15.93 -1.35
N LEU A 34 -6.34 16.76 -2.04
CA LEU A 34 -5.39 16.33 -3.06
C LEU A 34 -4.08 16.99 -2.72
N ASN A 35 -3.19 16.24 -2.06
CA ASN A 35 -1.85 16.64 -1.68
C ASN A 35 -1.80 17.99 -0.93
N GLY A 36 -2.69 18.13 0.06
CA GLY A 36 -2.75 19.33 0.90
C GLY A 36 -3.54 20.48 0.31
N SER A 37 -4.46 20.18 -0.63
CA SER A 37 -5.30 21.19 -1.24
C SER A 37 -6.69 20.64 -1.48
N PRO A 38 -7.79 21.41 -1.28
CA PRO A 38 -9.12 20.84 -1.56
C PRO A 38 -9.32 20.52 -3.04
N TYR A 39 -9.95 19.37 -3.30
CA TYR A 39 -10.28 19.00 -4.65
C TYR A 39 -11.76 18.75 -4.64
N VAL A 40 -12.53 19.65 -5.30
CA VAL A 40 -13.98 19.55 -5.39
C VAL A 40 -14.33 18.38 -6.31
N GLY A 41 -14.87 17.31 -5.74
CA GLY A 41 -15.35 16.16 -6.50
C GLY A 41 -16.65 16.49 -7.22
N GLU A 42 -16.97 15.73 -8.29
CA GLU A 42 -18.21 15.98 -9.05
C GLU A 42 -19.43 15.68 -8.19
N ASN A 43 -20.54 16.38 -8.46
CA ASN A 43 -21.78 16.19 -7.72
C ASN A 43 -22.59 15.12 -8.39
N HIS A 44 -22.81 14.01 -7.69
CA HIS A 44 -23.61 12.89 -8.18
C HIS A 44 -25.02 13.15 -7.70
N LYS A 45 -25.90 13.34 -8.69
CA LYS A 45 -27.25 13.79 -8.50
C LYS A 45 -28.33 12.77 -8.74
N SER A 46 -29.37 12.84 -7.92
CA SER A 46 -30.58 12.07 -8.13
C SER A 46 -31.28 12.58 -9.41
N PHE A 47 -32.05 11.69 -10.06
CA PHE A 47 -32.84 11.99 -11.24
C PHE A 47 -34.16 12.70 -10.86
N ILE A 48 -34.47 12.70 -9.54
CA ILE A 48 -35.63 13.40 -9.00
C ILE A 48 -35.16 14.45 -7.98
N THR A 49 -36.10 15.24 -7.43
CA THR A 49 -35.83 16.30 -6.42
C THR A 49 -36.59 16.03 -5.13
N GLY A 50 -36.53 16.98 -4.18
CA GLY A 50 -37.24 16.91 -2.90
C GLY A 50 -36.43 16.48 -1.69
N PHE A 51 -35.10 16.49 -1.82
CA PHE A 51 -34.17 16.08 -0.75
C PHE A 51 -33.70 17.22 0.15
N THR A 52 -33.33 16.87 1.38
CA THR A 52 -32.81 17.78 2.39
C THR A 52 -31.26 17.74 2.29
N PRO A 53 -30.60 18.88 1.99
CA PRO A 53 -29.13 18.86 1.90
C PRO A 53 -28.47 18.87 3.28
N VAL A 54 -27.24 18.32 3.33
CA VAL A 54 -26.38 18.20 4.53
C VAL A 54 -24.92 18.45 4.14
N LYS A 55 -24.23 19.33 4.89
CA LYS A 55 -22.82 19.61 4.71
C LYS A 55 -22.03 19.11 5.92
N ILE A 56 -21.23 18.04 5.74
CA ILE A 56 -20.31 17.49 6.75
C ILE A 56 -18.94 18.10 6.43
N SER A 57 -18.65 19.25 7.04
CA SER A 57 -17.41 19.99 6.89
C SER A 57 -16.44 19.43 7.93
N LEU A 58 -15.28 18.92 7.49
CA LEU A 58 -14.31 18.30 8.41
C LEU A 58 -13.08 19.13 8.68
N ASP A 59 -12.56 19.00 9.92
CA ASP A 59 -11.33 19.66 10.36
C ASP A 59 -10.16 18.82 9.86
N PHE A 60 -9.96 18.81 8.52
CA PHE A 60 -8.89 18.06 7.91
C PHE A 60 -7.56 18.73 8.27
N PRO A 61 -6.45 18.03 8.58
CA PRO A 61 -6.24 16.57 8.66
C PRO A 61 -6.50 15.89 10.01
N SER A 62 -6.62 16.68 11.10
CA SER A 62 -6.83 16.20 12.48
C SER A 62 -8.11 15.39 12.64
N GLU A 63 -9.12 15.66 11.82
CA GLU A 63 -10.39 14.94 11.82
C GLU A 63 -10.49 14.13 10.54
N TYR A 64 -10.79 12.84 10.69
CA TYR A 64 -10.91 11.84 9.64
C TYR A 64 -11.95 10.77 10.07
N ILE A 65 -12.66 10.21 9.07
CA ILE A 65 -13.70 9.18 9.23
C ILE A 65 -13.12 7.90 9.84
N MET A 66 -13.77 7.38 10.89
CA MET A 66 -13.32 6.14 11.54
C MET A 66 -14.34 5.05 11.25
N GLU A 67 -15.62 5.43 11.03
CA GLU A 67 -16.70 4.49 10.73
C GLU A 67 -17.76 5.09 9.77
N VAL A 68 -18.27 4.25 8.85
CA VAL A 68 -19.34 4.55 7.90
C VAL A 68 -20.33 3.42 8.06
N SER A 69 -21.53 3.77 8.45
CA SER A 69 -22.57 2.79 8.63
C SER A 69 -23.82 3.37 8.02
N GLY A 70 -24.86 2.54 7.96
CA GLY A 70 -26.14 2.91 7.39
C GLY A 70 -27.02 1.70 7.24
N TYR A 71 -28.02 1.85 6.36
CA TYR A 71 -29.04 0.85 6.09
C TYR A 71 -29.28 0.74 4.60
N THR A 72 -29.53 -0.48 4.13
CA THR A 72 -29.90 -0.73 2.74
C THR A 72 -31.30 -1.32 2.79
N GLY A 73 -32.14 -0.93 1.84
CA GLY A 73 -33.51 -1.38 1.78
C GLY A 73 -34.24 -1.08 0.49
N LYS A 74 -35.47 -1.59 0.38
CA LYS A 74 -36.33 -1.46 -0.78
C LYS A 74 -37.23 -0.22 -0.69
N VAL A 75 -37.19 0.60 -1.76
CA VAL A 75 -37.99 1.83 -1.99
C VAL A 75 -38.46 1.76 -3.45
N SER A 76 -39.77 1.60 -3.68
CA SER A 76 -40.43 1.50 -5.00
C SER A 76 -39.92 0.33 -5.89
N GLY A 77 -39.62 -0.80 -5.22
CA GLY A 77 -39.15 -2.02 -5.85
C GLY A 77 -37.64 -2.09 -6.10
N TYR A 78 -36.86 -1.11 -5.55
CA TYR A 78 -35.40 -0.99 -5.74
C TYR A 78 -34.61 -1.03 -4.42
N VAL A 79 -33.52 -1.85 -4.39
CA VAL A 79 -32.60 -1.95 -3.25
C VAL A 79 -31.69 -0.72 -3.36
N VAL A 80 -31.76 0.19 -2.37
CA VAL A 80 -31.01 1.45 -2.35
C VAL A 80 -30.39 1.64 -0.95
N VAL A 81 -29.44 2.60 -0.80
CA VAL A 81 -28.85 2.98 0.48
C VAL A 81 -29.86 3.98 1.09
N ARG A 82 -30.59 3.55 2.12
CA ARG A 82 -31.64 4.34 2.76
C ARG A 82 -31.15 5.37 3.77
N SER A 83 -29.98 5.11 4.35
CA SER A 83 -29.40 5.94 5.40
C SER A 83 -27.90 5.77 5.48
N LEU A 84 -27.19 6.84 5.85
CA LEU A 84 -25.74 6.89 6.08
C LEU A 84 -25.42 7.64 7.40
N THR A 85 -24.33 7.26 8.05
CA THR A 85 -23.81 7.88 9.27
C THR A 85 -22.30 7.87 9.12
N PHE A 86 -21.63 9.00 9.41
CA PHE A 86 -20.16 9.14 9.34
C PHE A 86 -19.61 9.51 10.72
N LYS A 87 -18.84 8.61 11.36
CA LYS A 87 -18.24 8.89 12.65
C LYS A 87 -16.76 9.16 12.50
N THR A 88 -16.33 10.41 12.81
CA THR A 88 -14.91 10.73 12.80
C THR A 88 -14.34 10.45 14.18
N ASN A 89 -13.07 10.82 14.42
CA ASN A 89 -12.41 10.72 15.72
C ASN A 89 -12.89 11.89 16.61
N LYS A 90 -13.73 12.77 16.04
CA LYS A 90 -14.24 13.96 16.70
C LYS A 90 -15.77 14.04 16.81
N LYS A 91 -16.55 13.47 15.86
CA LYS A 91 -18.04 13.42 15.93
C LYS A 91 -18.74 12.42 15.05
N THR A 92 -20.03 12.17 15.35
CA THR A 92 -20.95 11.29 14.63
C THR A 92 -21.89 12.21 13.84
N TYR A 93 -21.83 12.11 12.53
CA TYR A 93 -22.65 12.91 11.62
C TYR A 93 -23.71 11.98 11.07
N GLY A 94 -24.93 12.14 11.52
CA GLY A 94 -26.05 11.31 11.12
C GLY A 94 -26.79 10.65 12.27
N PRO A 95 -27.69 9.68 11.97
CA PRO A 95 -28.01 9.17 10.63
C PRO A 95 -28.82 10.17 9.81
N TYR A 96 -28.66 10.07 8.50
CA TYR A 96 -29.37 10.90 7.54
C TYR A 96 -30.10 9.93 6.67
N GLY A 97 -31.40 10.12 6.52
CA GLY A 97 -32.22 9.24 5.71
C GLY A 97 -33.21 8.46 6.55
N VAL A 98 -33.44 7.19 6.16
CA VAL A 98 -34.37 6.24 6.81
C VAL A 98 -33.56 5.08 7.41
N THR A 99 -33.59 5.01 8.75
CA THR A 99 -32.92 4.02 9.60
C THR A 99 -33.65 2.63 9.58
N SER A 100 -34.08 2.21 8.38
CA SER A 100 -34.79 0.95 8.17
C SER A 100 -34.19 0.09 7.03
N GLY A 101 -34.26 -1.22 7.23
CA GLY A 101 -33.74 -2.24 6.33
C GLY A 101 -32.57 -2.99 6.93
N THR A 102 -31.68 -3.47 6.06
CA THR A 102 -30.48 -4.21 6.45
C THR A 102 -29.34 -3.25 6.82
N PRO A 103 -28.86 -3.23 8.07
CA PRO A 103 -27.72 -2.37 8.39
C PRO A 103 -26.38 -2.88 7.80
N PHE A 104 -25.41 -1.99 7.72
CA PHE A 104 -24.04 -2.26 7.31
C PHE A 104 -23.18 -1.33 8.10
N SER A 105 -21.93 -1.70 8.26
CA SER A 105 -21.00 -1.02 9.14
C SER A 105 -19.58 -1.24 8.62
N LEU A 106 -18.80 -0.14 8.51
CA LEU A 106 -17.39 -0.16 8.17
C LEU A 106 -16.52 0.54 9.22
N PRO A 107 -16.11 -0.16 10.30
CA PRO A 107 -15.17 0.45 11.24
C PRO A 107 -13.76 0.30 10.63
N ILE A 108 -12.90 1.32 10.83
CA ILE A 108 -11.52 1.29 10.31
C ILE A 108 -10.59 1.48 11.48
N GLU A 109 -9.80 0.44 11.82
CA GLU A 109 -8.82 0.49 12.91
C GLU A 109 -7.54 1.14 12.38
N ASN A 110 -7.26 0.96 11.07
CA ASN A 110 -6.06 1.50 10.43
C ASN A 110 -6.27 1.77 8.94
N GLY A 111 -5.93 2.98 8.53
CA GLY A 111 -6.06 3.41 7.15
C GLY A 111 -7.16 4.43 6.97
N LEU A 112 -7.33 4.92 5.73
CA LEU A 112 -8.29 5.98 5.46
C LEU A 112 -9.13 5.75 4.27
N ILE A 113 -10.32 6.37 4.24
CA ILE A 113 -11.21 6.45 3.08
C ILE A 113 -10.59 7.57 2.27
N VAL A 114 -10.22 7.27 1.02
CA VAL A 114 -9.57 8.24 0.12
C VAL A 114 -10.38 8.48 -1.17
N GLY A 115 -11.59 7.91 -1.23
CA GLY A 115 -12.44 8.04 -2.39
C GLY A 115 -13.70 7.21 -2.34
N PHE A 116 -14.68 7.57 -3.18
CA PHE A 116 -15.97 6.92 -3.31
C PHE A 116 -16.29 6.67 -4.76
N LYS A 117 -17.16 5.68 -4.98
CA LYS A 117 -17.76 5.29 -6.25
C LYS A 117 -19.12 4.67 -5.90
N GLY A 118 -19.99 4.57 -6.89
CA GLY A 118 -21.31 4.00 -6.67
C GLY A 118 -22.25 4.24 -7.82
N SER A 119 -23.55 4.37 -7.49
CA SER A 119 -24.61 4.55 -8.48
C SER A 119 -25.77 5.28 -7.86
N ILE A 120 -26.34 6.22 -8.63
CA ILE A 120 -27.49 7.03 -8.27
C ILE A 120 -28.52 6.98 -9.39
N GLY A 121 -29.76 6.69 -9.02
CA GLY A 121 -30.92 6.68 -9.92
C GLY A 121 -31.85 7.73 -9.37
N TYR A 122 -33.01 7.32 -8.83
CA TYR A 122 -33.85 8.25 -8.10
C TYR A 122 -33.10 8.43 -6.74
N TRP A 123 -32.47 7.33 -6.22
CA TRP A 123 -31.73 7.32 -4.94
C TRP A 123 -30.35 6.69 -5.08
N LEU A 124 -29.53 6.76 -4.02
CA LEU A 124 -28.20 6.13 -3.99
C LEU A 124 -28.42 4.60 -3.98
N ASP A 125 -28.09 3.92 -5.11
CA ASP A 125 -28.24 2.47 -5.34
C ASP A 125 -27.29 1.61 -4.50
N TYR A 126 -26.03 2.00 -4.50
CA TYR A 126 -24.90 1.39 -3.82
C TYR A 126 -23.73 2.35 -3.84
N PHE A 127 -22.73 2.07 -3.01
CA PHE A 127 -21.49 2.83 -2.99
C PHE A 127 -20.39 1.93 -2.48
N SER A 128 -19.17 2.29 -2.81
CA SER A 128 -17.99 1.60 -2.38
C SER A 128 -17.02 2.65 -1.92
N MET A 129 -16.00 2.22 -1.15
CA MET A 129 -14.97 3.14 -0.73
C MET A 129 -13.54 2.69 -1.06
N TYR A 130 -12.68 3.66 -1.41
CA TYR A 130 -11.25 3.40 -1.62
C TYR A 130 -10.60 3.60 -0.26
N LEU A 131 -9.78 2.65 0.17
CA LEU A 131 -9.05 2.73 1.46
C LEU A 131 -7.57 2.74 1.22
N SER A 132 -6.84 3.60 1.91
CA SER A 132 -5.38 3.61 1.78
C SER A 132 -4.76 4.00 3.11
N LEU A 133 -3.44 3.84 3.25
CA LEU A 133 -2.69 4.23 4.45
C LEU A 133 -2.21 5.68 4.25
N GLN B 3 0.19 -5.56 -16.27
CA GLN B 3 0.96 -4.47 -15.67
C GLN B 3 0.79 -3.16 -16.48
N SER B 4 -0.02 -2.22 -15.96
CA SER B 4 -0.31 -0.93 -16.58
C SER B 4 0.21 0.21 -15.70
N GLY B 5 0.18 1.43 -16.24
CA GLY B 5 0.66 2.64 -15.58
C GLY B 5 -0.36 3.32 -14.69
N ILE B 6 -1.41 2.60 -14.28
CA ILE B 6 -2.41 3.19 -13.38
C ILE B 6 -2.29 2.57 -11.99
N SER B 7 -2.02 3.43 -11.02
CA SER B 7 -1.88 3.13 -9.61
C SER B 7 -3.24 2.65 -9.11
N GLN B 8 -3.22 1.62 -8.26
CA GLN B 8 -4.44 1.10 -7.66
C GLN B 8 -4.46 1.26 -6.12
N THR B 9 -5.64 1.07 -5.56
CA THR B 9 -5.95 1.23 -4.15
C THR B 9 -6.90 0.11 -3.75
N VAL B 10 -6.97 -0.24 -2.47
CA VAL B 10 -7.95 -1.21 -1.93
C VAL B 10 -9.37 -0.60 -2.13
N ILE B 11 -10.36 -1.41 -2.54
CA ILE B 11 -11.76 -0.98 -2.69
C ILE B 11 -12.64 -1.94 -1.95
N VAL B 12 -13.37 -1.39 -0.95
CA VAL B 12 -14.33 -2.15 -0.16
C VAL B 12 -15.72 -1.67 -0.57
N GLY B 13 -16.64 -2.62 -0.68
CA GLY B 13 -18.02 -2.42 -1.10
C GLY B 13 -18.30 -3.39 -2.23
N PRO B 14 -19.45 -3.26 -2.92
CA PRO B 14 -20.50 -2.25 -2.69
C PRO B 14 -21.56 -2.65 -1.66
N TRP B 15 -22.15 -1.65 -1.00
CA TRP B 15 -23.26 -1.84 -0.08
C TRP B 15 -24.46 -1.21 -0.78
N GLY B 16 -25.53 -1.98 -0.97
CA GLY B 16 -26.76 -1.57 -1.65
C GLY B 16 -27.15 -2.59 -2.71
N ALA B 17 -27.82 -2.15 -3.81
CA ALA B 17 -28.21 -3.02 -4.93
C ALA B 17 -27.00 -3.78 -5.47
N GLN B 18 -27.12 -5.12 -5.66
CA GLN B 18 -25.98 -5.91 -6.16
C GLN B 18 -26.37 -6.93 -7.24
N GLY C 1 18.14 25.58 -2.70
CA GLY C 1 17.24 26.26 -3.61
C GLY C 1 15.81 26.23 -3.12
N LYS C 2 14.86 26.55 -4.03
CA LYS C 2 13.42 26.54 -3.72
C LYS C 2 12.88 25.09 -3.74
N ALA C 3 12.46 24.60 -2.57
CA ALA C 3 11.90 23.27 -2.38
C ALA C 3 10.52 23.14 -3.03
N PHE C 4 10.19 21.93 -3.50
CA PHE C 4 8.89 21.62 -4.10
C PHE C 4 8.41 20.17 -3.79
N ASP C 5 7.08 19.97 -3.75
CA ASP C 5 6.46 18.67 -3.53
C ASP C 5 5.08 18.66 -4.19
N ASP C 6 4.97 17.91 -5.31
CA ASP C 6 3.76 17.73 -6.09
C ASP C 6 2.80 16.76 -5.40
N GLY C 7 3.35 15.92 -4.54
CA GLY C 7 2.63 14.87 -3.85
C GLY C 7 2.38 13.70 -4.77
N ALA C 8 1.39 12.88 -4.41
CA ALA C 8 0.95 11.67 -5.10
C ALA C 8 -0.21 11.83 -6.04
N PHE C 9 -0.12 11.07 -7.14
CA PHE C 9 -1.14 11.01 -8.18
C PHE C 9 -1.38 9.56 -8.59
N THR C 10 -2.10 9.33 -9.70
CA THR C 10 -2.42 7.99 -10.16
C THR C 10 -1.46 7.42 -11.24
N GLY C 11 -0.57 8.25 -11.71
CA GLY C 11 0.40 7.89 -12.73
C GLY C 11 1.03 9.12 -13.33
N ILE C 12 1.84 8.92 -14.37
CA ILE C 12 2.61 9.95 -15.07
C ILE C 12 2.30 9.92 -16.55
N ARG C 13 1.92 11.08 -17.10
CA ARG C 13 1.62 11.20 -18.54
C ARG C 13 2.75 11.89 -19.25
N GLU C 14 3.42 12.83 -18.59
CA GLU C 14 4.47 13.60 -19.24
C GLU C 14 5.39 14.27 -18.25
N ILE C 15 6.69 14.37 -18.64
CA ILE C 15 7.75 15.04 -17.88
C ILE C 15 8.39 16.10 -18.80
N ASN C 16 8.30 17.38 -18.38
CA ASN C 16 8.89 18.50 -19.12
C ASN C 16 10.06 19.06 -18.31
N LEU C 17 11.27 18.90 -18.87
CA LEU C 17 12.47 19.38 -18.19
C LEU C 17 13.33 20.25 -19.11
N SER C 18 14.41 20.80 -18.57
CA SER C 18 15.39 21.58 -19.30
C SER C 18 16.78 21.30 -18.76
N TYR C 19 17.78 21.30 -19.65
CA TYR C 19 19.19 21.04 -19.30
C TYR C 19 20.14 21.93 -20.10
N ASN C 20 21.34 22.14 -19.56
CA ASN C 20 22.44 22.85 -20.20
C ASN C 20 23.54 21.81 -20.25
N LYS C 21 23.98 21.45 -21.48
CA LYS C 21 25.00 20.42 -21.74
C LYS C 21 26.33 20.70 -21.04
N GLU C 22 26.54 21.96 -20.59
CA GLU C 22 27.70 22.45 -19.88
C GLU C 22 27.58 22.20 -18.35
N THR C 23 26.41 22.53 -17.74
CA THR C 23 26.17 22.42 -16.28
C THR C 23 25.32 21.22 -15.78
N ALA C 24 24.00 21.44 -15.57
CA ALA C 24 23.06 20.47 -15.02
C ALA C 24 21.63 20.63 -15.56
N ILE C 25 20.66 20.07 -14.81
CA ILE C 25 19.23 20.13 -15.08
C ILE C 25 18.73 21.46 -14.53
N GLY C 26 17.84 22.11 -15.27
CA GLY C 26 17.28 23.39 -14.87
C GLY C 26 15.87 23.26 -14.37
N ASP C 27 14.93 23.52 -15.26
CA ASP C 27 13.49 23.45 -14.99
C ASP C 27 13.01 22.01 -14.97
N PHE C 28 11.92 21.78 -14.23
CA PHE C 28 11.29 20.49 -14.09
C PHE C 28 9.80 20.61 -13.76
N GLN C 29 8.93 20.03 -14.59
CA GLN C 29 7.48 20.00 -14.34
C GLN C 29 6.86 18.70 -14.85
N VAL C 30 5.80 18.22 -14.20
CA VAL C 30 5.17 16.95 -14.55
C VAL C 30 3.67 17.09 -14.78
N VAL C 31 3.15 16.44 -15.84
CA VAL C 31 1.75 16.27 -16.19
C VAL C 31 1.44 14.84 -15.67
N TYR C 32 0.70 14.75 -14.56
CA TYR C 32 0.37 13.47 -13.95
C TYR C 32 -0.93 12.93 -14.48
N ASP C 33 -1.24 11.72 -14.06
CA ASP C 33 -2.56 11.21 -14.24
C ASP C 33 -3.25 11.30 -12.90
N LEU C 34 -4.48 11.76 -12.89
CA LEU C 34 -5.30 11.81 -11.70
C LEU C 34 -6.62 11.18 -12.06
N ASN C 35 -6.78 9.89 -11.70
CA ASN C 35 -8.02 9.16 -11.91
C ASN C 35 -8.51 9.14 -13.38
N GLY C 36 -7.56 8.98 -14.31
CA GLY C 36 -7.84 8.88 -15.73
C GLY C 36 -7.79 10.19 -16.50
N SER C 37 -7.66 11.32 -15.79
CA SER C 37 -7.56 12.63 -16.44
C SER C 37 -6.21 13.32 -16.17
N PRO C 38 -5.69 14.09 -17.15
CA PRO C 38 -4.39 14.74 -16.94
C PRO C 38 -4.45 15.82 -15.87
N TYR C 39 -3.39 15.93 -15.08
CA TYR C 39 -3.28 16.96 -14.05
C TYR C 39 -1.93 17.64 -14.24
N VAL C 40 -1.96 18.90 -14.72
CA VAL C 40 -0.76 19.69 -14.94
C VAL C 40 -0.20 20.14 -13.59
N GLY C 41 0.89 19.48 -13.15
CA GLY C 41 1.61 19.82 -11.94
C GLY C 41 2.25 21.19 -12.06
N GLU C 42 2.62 21.82 -10.94
CA GLU C 42 3.23 23.16 -10.93
C GLU C 42 4.57 23.19 -11.69
N ASN C 43 4.86 24.32 -12.34
CA ASN C 43 6.11 24.46 -13.07
C ASN C 43 7.24 24.85 -12.11
N HIS C 44 8.20 23.92 -11.90
CA HIS C 44 9.34 24.16 -11.02
C HIS C 44 10.50 24.72 -11.86
N LYS C 45 10.65 26.03 -11.83
CA LYS C 45 11.61 26.76 -12.64
C LYS C 45 12.98 27.01 -12.01
N SER C 46 13.98 27.13 -12.90
CA SER C 46 15.35 27.48 -12.58
C SER C 46 15.43 28.98 -12.43
N PHE C 47 16.34 29.46 -11.58
CA PHE C 47 16.55 30.91 -11.39
C PHE C 47 17.22 31.51 -12.62
N ILE C 48 18.06 30.70 -13.31
CA ILE C 48 18.79 31.13 -14.51
C ILE C 48 18.12 30.62 -15.81
N THR C 49 18.58 31.15 -16.98
CA THR C 49 18.11 30.77 -18.32
C THR C 49 19.21 29.98 -19.09
N GLY C 50 19.02 29.81 -20.40
CA GLY C 50 19.98 29.13 -21.27
C GLY C 50 19.98 27.62 -21.23
N PHE C 51 18.81 27.03 -20.96
CA PHE C 51 18.63 25.57 -20.92
C PHE C 51 17.90 25.09 -22.17
N THR C 52 18.23 23.87 -22.60
CA THR C 52 17.66 23.20 -23.76
C THR C 52 16.38 22.48 -23.26
N PRO C 53 15.18 22.84 -23.77
CA PRO C 53 13.96 22.18 -23.28
C PRO C 53 13.72 20.79 -23.85
N VAL C 54 13.01 19.96 -23.08
CA VAL C 54 12.66 18.58 -23.47
C VAL C 54 11.26 18.21 -22.98
N LYS C 55 10.46 17.61 -23.89
CA LYS C 55 9.13 17.12 -23.62
C LYS C 55 9.21 15.59 -23.67
N ILE C 56 9.04 14.92 -22.53
CA ILE C 56 9.02 13.46 -22.44
C ILE C 56 7.53 13.10 -22.33
N SER C 57 6.89 12.84 -23.46
CA SER C 57 5.46 12.52 -23.56
C SER C 57 5.25 11.03 -23.57
N LEU C 58 4.61 10.51 -22.51
CA LEU C 58 4.40 9.08 -22.33
C LEU C 58 3.11 8.56 -22.92
N ASP C 59 3.17 7.36 -23.47
CA ASP C 59 2.00 6.68 -24.00
C ASP C 59 1.27 6.05 -22.78
N PHE C 60 0.61 6.89 -21.97
CA PHE C 60 -0.09 6.45 -20.75
C PHE C 60 -1.47 5.84 -21.14
N PRO C 61 -1.95 4.70 -20.55
CA PRO C 61 -1.38 3.92 -19.43
C PRO C 61 -0.37 2.81 -19.73
N SER C 62 -0.31 2.33 -21.00
CA SER C 62 0.54 1.22 -21.41
C SER C 62 2.05 1.43 -21.32
N GLU C 63 2.52 2.69 -21.28
CA GLU C 63 3.92 3.05 -21.15
C GLU C 63 4.12 3.70 -19.79
N TYR C 64 5.10 3.18 -19.04
CA TYR C 64 5.41 3.66 -17.69
C TYR C 64 6.92 3.51 -17.39
N ILE C 65 7.45 4.40 -16.56
CA ILE C 65 8.86 4.41 -16.21
C ILE C 65 9.22 3.18 -15.39
N MET C 66 10.27 2.49 -15.80
CA MET C 66 10.76 1.29 -15.11
C MET C 66 12.10 1.54 -14.41
N GLU C 67 12.74 2.67 -14.72
CA GLU C 67 14.04 3.09 -14.17
C GLU C 67 14.27 4.56 -14.42
N VAL C 68 14.79 5.25 -13.39
CA VAL C 68 15.25 6.65 -13.42
C VAL C 68 16.71 6.55 -12.99
N SER C 69 17.60 6.99 -13.86
CA SER C 69 19.03 7.00 -13.63
C SER C 69 19.54 8.37 -13.95
N GLY C 70 20.73 8.66 -13.48
CA GLY C 70 21.32 9.97 -13.69
C GLY C 70 22.66 10.08 -13.02
N TYR C 71 23.07 11.33 -12.83
CA TYR C 71 24.35 11.70 -12.23
C TYR C 71 24.14 12.88 -11.34
N THR C 72 24.84 12.87 -10.19
CA THR C 72 24.86 13.99 -9.26
C THR C 72 26.29 14.43 -9.20
N GLY C 73 26.50 15.74 -9.11
CA GLY C 73 27.84 16.29 -9.10
C GLY C 73 27.87 17.76 -8.74
N LYS C 74 29.08 18.29 -8.54
CA LYS C 74 29.31 19.67 -8.16
C LYS C 74 29.29 20.57 -9.37
N VAL C 75 28.48 21.64 -9.29
CA VAL C 75 28.38 22.70 -10.29
C VAL C 75 28.35 24.00 -9.47
N SER C 76 29.45 24.79 -9.57
CA SER C 76 29.69 26.06 -8.88
C SER C 76 29.73 25.97 -7.34
N GLY C 77 30.24 24.84 -6.84
CA GLY C 77 30.36 24.57 -5.41
C GLY C 77 29.14 23.90 -4.79
N TYR C 78 28.03 23.83 -5.55
CA TYR C 78 26.80 23.21 -5.08
C TYR C 78 26.68 21.79 -5.59
N VAL C 79 26.04 20.91 -4.81
CA VAL C 79 25.77 19.52 -5.24
C VAL C 79 24.36 19.56 -5.86
N VAL C 80 24.25 19.06 -7.11
CA VAL C 80 23.03 19.08 -7.93
C VAL C 80 22.85 17.75 -8.74
N VAL C 81 21.70 17.61 -9.42
CA VAL C 81 21.43 16.48 -10.30
C VAL C 81 21.87 17.01 -11.67
N ARG C 82 22.93 16.43 -12.22
CA ARG C 82 23.54 16.89 -13.47
C ARG C 82 22.90 16.35 -14.75
N SER C 83 22.44 15.11 -14.71
CA SER C 83 21.73 14.46 -15.80
C SER C 83 20.72 13.47 -15.27
N LEU C 84 19.69 13.21 -16.11
CA LEU C 84 18.59 12.30 -15.87
C LEU C 84 18.30 11.50 -17.13
N THR C 85 17.98 10.24 -16.92
CA THR C 85 17.58 9.28 -17.95
C THR C 85 16.34 8.57 -17.43
N PHE C 86 15.28 8.49 -18.26
CA PHE C 86 14.03 7.81 -17.97
C PHE C 86 13.89 6.59 -18.90
N LYS C 87 13.90 5.39 -18.33
CA LYS C 87 13.75 4.12 -19.03
C LYS C 87 12.31 3.62 -18.83
N THR C 88 11.56 3.46 -19.94
CA THR C 88 10.20 2.92 -19.86
C THR C 88 10.19 1.49 -20.40
N ASN C 89 9.01 0.85 -20.46
CA ASN C 89 8.86 -0.50 -21.03
C ASN C 89 8.88 -0.52 -22.57
N LYS C 90 8.94 0.67 -23.20
CA LYS C 90 8.89 0.80 -24.67
C LYS C 90 10.08 1.59 -25.21
N LYS C 91 10.54 2.64 -24.47
CA LYS C 91 11.62 3.51 -24.90
C LYS C 91 12.54 3.90 -23.76
N THR C 92 13.65 4.54 -24.14
CA THR C 92 14.69 5.11 -23.30
C THR C 92 14.76 6.61 -23.63
N TYR C 93 14.54 7.47 -22.64
CA TYR C 93 14.60 8.93 -22.78
C TYR C 93 15.83 9.46 -22.03
N GLY C 94 16.70 10.09 -22.82
CA GLY C 94 17.94 10.67 -22.34
C GLY C 94 19.20 9.93 -22.73
N PRO C 95 20.33 10.21 -22.05
CA PRO C 95 20.50 11.17 -20.93
C PRO C 95 20.33 12.62 -21.36
N TYR C 96 19.91 13.47 -20.42
CA TYR C 96 19.74 14.91 -20.61
C TYR C 96 20.63 15.62 -19.57
N GLY C 97 21.59 16.42 -20.02
CA GLY C 97 22.51 17.14 -19.15
C GLY C 97 23.94 16.64 -19.24
N VAL C 98 24.71 16.72 -18.13
CA VAL C 98 26.11 16.29 -18.08
C VAL C 98 26.23 14.94 -17.39
N THR C 99 26.73 13.91 -18.11
CA THR C 99 26.93 12.53 -17.60
C THR C 99 28.25 12.39 -16.85
N SER C 100 28.46 13.31 -15.90
CA SER C 100 29.65 13.37 -15.07
C SER C 100 29.23 13.49 -13.63
N GLY C 101 30.03 12.91 -12.75
CA GLY C 101 29.80 12.91 -11.32
C GLY C 101 29.56 11.53 -10.77
N THR C 102 28.62 11.45 -9.82
CA THR C 102 28.24 10.22 -9.11
C THR C 102 26.96 9.66 -9.71
N PRO C 103 27.01 8.45 -10.28
CA PRO C 103 25.78 7.89 -10.85
C PRO C 103 24.85 7.35 -9.78
N PHE C 104 23.55 7.36 -10.10
CA PHE C 104 22.48 6.79 -9.29
C PHE C 104 21.52 6.12 -10.25
N SER C 105 20.82 5.11 -9.75
CA SER C 105 19.94 4.25 -10.53
C SER C 105 18.78 3.82 -9.63
N LEU C 106 17.54 4.02 -10.10
CA LEU C 106 16.37 3.52 -9.40
C LEU C 106 15.53 2.71 -10.35
N PRO C 107 15.83 1.40 -10.44
CA PRO C 107 15.00 0.52 -11.29
C PRO C 107 13.80 0.07 -10.47
N ILE C 108 12.69 -0.24 -11.14
CA ILE C 108 11.49 -0.72 -10.44
C ILE C 108 11.12 -2.08 -11.02
N GLU C 109 10.98 -3.09 -10.17
CA GLU C 109 10.49 -4.39 -10.60
C GLU C 109 8.95 -4.43 -10.41
N ASN C 110 8.45 -3.75 -9.38
CA ASN C 110 7.03 -3.71 -9.07
C ASN C 110 6.64 -2.41 -8.45
N GLY C 111 5.61 -1.77 -9.00
CA GLY C 111 5.13 -0.47 -8.52
C GLY C 111 5.32 0.64 -9.55
N LEU C 112 4.86 1.84 -9.22
CA LEU C 112 4.89 2.97 -10.14
C LEU C 112 5.35 4.27 -9.49
N ILE C 113 6.03 5.13 -10.23
CA ILE C 113 6.37 6.49 -9.80
C ILE C 113 5.06 7.27 -9.93
N VAL C 114 4.56 7.80 -8.81
CA VAL C 114 3.26 8.49 -8.80
C VAL C 114 3.32 9.97 -8.45
N GLY C 115 4.54 10.49 -8.30
CA GLY C 115 4.78 11.86 -7.91
C GLY C 115 6.22 12.18 -7.69
N PHE C 116 6.52 13.49 -7.61
CA PHE C 116 7.86 14.02 -7.44
C PHE C 116 7.91 15.14 -6.42
N LYS C 117 9.07 15.26 -5.79
CA LYS C 117 9.42 16.30 -4.85
C LYS C 117 10.91 16.53 -5.00
N GLY C 118 11.34 17.76 -4.75
CA GLY C 118 12.74 18.12 -4.85
C GLY C 118 12.96 19.56 -4.54
N SER C 119 14.04 20.13 -5.12
CA SER C 119 14.42 21.52 -4.94
C SER C 119 15.13 22.06 -6.15
N ILE C 120 14.84 23.32 -6.51
CA ILE C 120 15.53 23.98 -7.63
C ILE C 120 16.10 25.35 -7.24
N GLY C 121 17.41 25.48 -7.42
CA GLY C 121 18.15 26.73 -7.22
C GLY C 121 18.44 27.27 -8.61
N TYR C 122 19.73 27.28 -8.99
CA TYR C 122 20.13 27.60 -10.35
C TYR C 122 19.87 26.30 -11.13
N TRP C 123 19.97 25.14 -10.42
CA TRP C 123 19.76 23.79 -10.95
C TRP C 123 18.93 22.91 -9.99
N LEU C 124 18.46 21.75 -10.50
CA LEU C 124 17.75 20.73 -9.75
C LEU C 124 18.73 20.22 -8.70
N ASP C 125 18.55 20.71 -7.45
CA ASP C 125 19.41 20.45 -6.28
C ASP C 125 19.38 18.99 -5.90
N TYR C 126 18.19 18.48 -5.74
CA TYR C 126 17.91 17.11 -5.35
C TYR C 126 16.51 16.79 -5.82
N PHE C 127 16.13 15.52 -5.74
CA PHE C 127 14.80 15.04 -6.04
C PHE C 127 14.52 13.71 -5.35
N SER C 128 13.23 13.47 -5.10
CA SER C 128 12.69 12.25 -4.53
C SER C 128 11.46 11.82 -5.32
N MET C 129 11.15 10.50 -5.31
CA MET C 129 9.98 9.94 -6.00
C MET C 129 8.99 9.20 -5.10
N TYR C 130 7.67 9.44 -5.33
CA TYR C 130 6.58 8.73 -4.66
C TYR C 130 6.39 7.43 -5.45
N LEU C 131 6.41 6.28 -4.75
CA LEU C 131 6.20 4.97 -5.36
C LEU C 131 4.95 4.41 -4.78
N SER C 132 4.17 3.75 -5.61
CA SER C 132 2.94 3.10 -5.17
C SER C 132 2.61 1.96 -6.11
N LEU C 133 1.90 0.96 -5.60
CA LEU C 133 1.31 -0.12 -6.37
C LEU C 133 0.04 0.46 -7.07
N GLN D 3 -1.08 9.62 12.50
CA GLN D 3 -1.41 10.86 13.20
C GLN D 3 -2.52 11.68 12.55
N SER D 4 -2.47 11.80 11.21
CA SER D 4 -3.43 12.62 10.47
C SER D 4 -4.21 11.85 9.42
N GLY D 5 -5.26 12.49 8.91
CA GLY D 5 -6.13 11.98 7.87
C GLY D 5 -5.62 12.29 6.48
N ILE D 6 -4.28 12.41 6.35
CA ILE D 6 -3.55 12.62 5.10
C ILE D 6 -3.05 11.22 4.73
N SER D 7 -3.38 10.74 3.52
CA SER D 7 -2.89 9.45 2.99
C SER D 7 -1.35 9.51 2.83
N GLN D 8 -0.67 8.37 2.96
CA GLN D 8 0.78 8.24 2.89
C GLN D 8 1.17 7.43 1.70
N THR D 9 2.43 7.61 1.26
CA THR D 9 3.06 6.86 0.16
C THR D 9 4.53 6.54 0.47
N VAL D 10 5.06 5.46 -0.15
CA VAL D 10 6.49 5.10 -0.08
C VAL D 10 7.21 6.24 -0.86
N ILE D 11 8.26 6.81 -0.25
CA ILE D 11 9.07 7.88 -0.87
C ILE D 11 10.52 7.42 -0.87
N VAL D 12 11.12 7.40 -2.06
CA VAL D 12 12.53 7.03 -2.23
C VAL D 12 13.36 8.26 -2.63
N GLY D 13 14.55 8.37 -2.03
CA GLY D 13 15.47 9.47 -2.22
C GLY D 13 15.79 10.20 -0.91
N PRO D 14 16.38 11.41 -0.97
CA PRO D 14 16.73 12.15 -2.18
C PRO D 14 18.06 11.78 -2.81
N TRP D 15 18.17 12.05 -4.13
CA TRP D 15 19.41 11.93 -4.90
C TRP D 15 19.79 13.37 -5.24
N GLY D 16 21.02 13.77 -4.96
CA GLY D 16 21.48 15.13 -5.17
C GLY D 16 21.96 15.74 -3.88
N ALA D 17 21.78 17.06 -3.69
CA ALA D 17 22.15 17.77 -2.47
C ALA D 17 21.45 17.23 -1.22
N GLN D 18 22.08 17.43 -0.03
CA GLN D 18 21.55 17.06 1.30
C GLN D 18 21.41 15.55 1.47
N GLY E 1 -12.98 -12.25 26.15
CA GLY E 1 -12.12 -13.41 25.99
C GLY E 1 -10.64 -13.14 25.83
N LYS E 2 -9.88 -14.14 25.35
CA LYS E 2 -8.45 -14.01 25.07
C LYS E 2 -8.26 -13.32 23.70
N ALA E 3 -7.63 -12.14 23.69
CA ALA E 3 -7.36 -11.40 22.46
C ALA E 3 -6.26 -12.13 21.66
N PHE E 4 -6.31 -12.00 20.31
CA PHE E 4 -5.33 -12.63 19.42
C PHE E 4 -5.12 -11.76 18.21
N ASP E 5 -3.91 -11.84 17.64
CA ASP E 5 -3.55 -11.08 16.47
C ASP E 5 -2.54 -11.89 15.67
N ASP E 6 -3.02 -12.50 14.56
CA ASP E 6 -2.20 -13.30 13.66
C ASP E 6 -1.25 -12.43 12.87
N GLY E 7 -1.67 -11.20 12.61
CA GLY E 7 -0.89 -10.29 11.81
C GLY E 7 -1.19 -10.45 10.33
N ALA E 8 -0.28 -9.94 9.50
CA ALA E 8 -0.31 -9.82 8.03
C ALA E 8 0.48 -10.92 7.32
N PHE E 9 -0.07 -11.40 6.20
CA PHE E 9 0.55 -12.49 5.44
C PHE E 9 0.45 -12.22 3.94
N THR E 10 0.85 -13.19 3.08
CA THR E 10 0.76 -13.00 1.61
C THR E 10 -0.62 -13.33 1.09
N GLY E 11 -1.37 -14.11 1.86
CA GLY E 11 -2.71 -14.51 1.46
C GLY E 11 -3.27 -15.59 2.35
N ILE E 12 -4.41 -16.18 1.93
CA ILE E 12 -5.15 -17.19 2.70
C ILE E 12 -5.23 -18.52 1.96
N ARG E 13 -4.90 -19.60 2.67
CA ARG E 13 -4.97 -20.93 2.05
C ARG E 13 -6.14 -21.71 2.60
N GLU E 14 -6.40 -21.58 3.91
CA GLU E 14 -7.47 -22.31 4.56
C GLU E 14 -7.95 -21.61 5.79
N ILE E 15 -9.27 -21.68 6.01
CA ILE E 15 -9.95 -21.18 7.20
C ILE E 15 -10.54 -22.36 7.96
N ASN E 16 -10.23 -22.45 9.24
CA ASN E 16 -10.77 -23.46 10.14
C ASN E 16 -11.63 -22.80 11.21
N LEU E 17 -12.88 -23.25 11.32
CA LEU E 17 -13.78 -22.72 12.34
C LEU E 17 -14.71 -23.79 12.86
N SER E 18 -15.48 -23.42 13.88
CA SER E 18 -16.46 -24.29 14.49
C SER E 18 -17.63 -23.41 14.94
N TYR E 19 -18.81 -24.01 15.08
CA TYR E 19 -20.01 -23.26 15.45
C TYR E 19 -21.03 -24.17 16.10
N ASN E 20 -21.98 -23.56 16.75
CA ASN E 20 -23.11 -24.20 17.37
C ASN E 20 -24.29 -23.33 17.02
N LYS E 21 -25.38 -23.93 16.47
CA LYS E 21 -26.61 -23.23 16.07
C LYS E 21 -27.25 -22.52 17.24
N GLU E 22 -27.05 -23.06 18.44
CA GLU E 22 -27.65 -22.51 19.64
C GLU E 22 -26.87 -21.36 20.22
N THR E 23 -25.61 -21.18 19.80
CA THR E 23 -24.75 -20.15 20.34
C THR E 23 -24.08 -19.30 19.30
N ALA E 24 -22.78 -19.53 19.05
CA ALA E 24 -22.00 -18.72 18.14
C ALA E 24 -20.80 -19.48 17.56
N ILE E 25 -19.80 -18.75 17.01
CA ILE E 25 -18.58 -19.35 16.48
C ILE E 25 -17.70 -19.76 17.67
N GLY E 26 -17.16 -20.99 17.65
CA GLY E 26 -16.27 -21.47 18.70
C GLY E 26 -14.78 -21.43 18.40
N ASP E 27 -14.37 -21.90 17.21
CA ASP E 27 -12.98 -21.97 16.77
C ASP E 27 -12.70 -21.01 15.64
N PHE E 28 -11.47 -20.56 15.55
CA PHE E 28 -10.93 -19.74 14.49
C PHE E 28 -9.43 -19.99 14.34
N GLN E 29 -9.06 -20.52 13.18
CA GLN E 29 -7.67 -20.78 12.88
C GLN E 29 -7.47 -20.65 11.41
N VAL E 30 -6.40 -19.98 11.00
CA VAL E 30 -6.10 -19.70 9.59
C VAL E 30 -4.74 -20.24 9.18
N VAL E 31 -4.73 -20.92 8.02
CA VAL E 31 -3.54 -21.38 7.32
C VAL E 31 -3.34 -20.29 6.26
N TYR E 32 -2.30 -19.49 6.47
CA TYR E 32 -1.99 -18.39 5.57
C TYR E 32 -0.96 -18.78 4.52
N ASP E 33 -0.88 -17.99 3.46
CA ASP E 33 0.22 -18.14 2.54
C ASP E 33 1.30 -17.16 3.01
N LEU E 34 2.55 -17.62 3.02
CA LEU E 34 3.66 -16.76 3.37
C LEU E 34 4.69 -16.96 2.31
N ASN E 35 4.75 -16.02 1.34
CA ASN E 35 5.73 -16.05 0.26
C ASN E 35 5.80 -17.40 -0.47
N GLY E 36 4.64 -18.05 -0.59
CA GLY E 36 4.48 -19.32 -1.30
C GLY E 36 4.39 -20.53 -0.40
N SER E 37 4.78 -20.34 0.84
CA SER E 37 4.78 -21.38 1.84
C SER E 37 3.54 -21.26 2.74
N PRO E 38 2.76 -22.36 2.87
CA PRO E 38 1.66 -22.37 3.85
C PRO E 38 2.23 -22.14 5.26
N TYR E 39 1.53 -21.34 6.07
CA TYR E 39 1.92 -20.99 7.43
C TYR E 39 0.70 -21.23 8.33
N VAL E 40 0.82 -22.19 9.27
CA VAL E 40 -0.26 -22.54 10.18
C VAL E 40 -0.33 -21.50 11.30
N GLY E 41 -1.40 -20.72 11.28
CA GLY E 41 -1.63 -19.72 12.32
C GLY E 41 -1.98 -20.35 13.65
N GLU E 42 -1.85 -19.57 14.74
CA GLU E 42 -2.16 -20.02 16.10
C GLU E 42 -3.63 -20.44 16.15
N ASN E 43 -3.92 -21.53 16.87
CA ASN E 43 -5.28 -22.04 16.99
C ASN E 43 -6.07 -21.22 18.05
N HIS E 44 -7.11 -20.50 17.63
CA HIS E 44 -7.88 -19.68 18.55
C HIS E 44 -9.11 -20.47 18.93
N LYS E 45 -8.94 -21.23 20.03
CA LYS E 45 -9.91 -22.15 20.58
C LYS E 45 -10.86 -21.52 21.57
N SER E 46 -12.09 -22.05 21.56
CA SER E 46 -13.12 -21.71 22.54
C SER E 46 -12.69 -22.29 23.88
N PHE E 47 -13.15 -21.66 24.97
CA PHE E 47 -12.89 -22.12 26.33
C PHE E 47 -13.69 -23.40 26.62
N ILE E 48 -14.76 -23.67 25.82
CA ILE E 48 -15.70 -24.80 25.92
C ILE E 48 -15.71 -25.76 24.69
N THR E 49 -16.70 -26.66 24.57
CA THR E 49 -16.83 -27.64 23.47
C THR E 49 -18.29 -27.74 22.97
N GLY E 50 -18.56 -28.73 22.11
CA GLY E 50 -19.85 -28.96 21.49
C GLY E 50 -20.05 -28.17 20.20
N PHE E 51 -18.97 -27.94 19.45
CA PHE E 51 -19.04 -27.19 18.21
C PHE E 51 -18.97 -28.08 16.97
N THR E 52 -19.70 -27.73 15.89
CA THR E 52 -19.62 -28.47 14.62
C THR E 52 -18.41 -27.97 13.81
N PRO E 53 -17.36 -28.80 13.58
CA PRO E 53 -16.15 -28.30 12.85
C PRO E 53 -16.36 -28.06 11.37
N VAL E 54 -15.72 -27.00 10.84
CA VAL E 54 -15.76 -26.59 9.42
C VAL E 54 -14.31 -26.31 8.94
N LYS E 55 -13.97 -26.87 7.77
CA LYS E 55 -12.71 -26.63 7.08
C LYS E 55 -13.00 -25.99 5.71
N ILE E 56 -12.50 -24.75 5.47
CA ILE E 56 -12.69 -24.04 4.21
C ILE E 56 -11.39 -24.12 3.42
N SER E 57 -11.30 -25.08 2.49
CA SER E 57 -10.08 -25.22 1.68
C SER E 57 -10.18 -24.39 0.40
N LEU E 58 -9.30 -23.39 0.28
CA LEU E 58 -9.27 -22.48 -0.86
C LEU E 58 -8.29 -22.94 -1.92
N ASP E 59 -8.67 -22.76 -3.20
CA ASP E 59 -7.85 -23.10 -4.36
C ASP E 59 -6.87 -21.95 -4.59
N PHE E 60 -6.01 -21.72 -3.61
CA PHE E 60 -4.99 -20.67 -3.64
C PHE E 60 -3.92 -21.01 -4.70
N PRO E 61 -3.52 -20.05 -5.56
CA PRO E 61 -3.83 -18.61 -5.53
C PRO E 61 -4.96 -18.09 -6.41
N SER E 62 -5.61 -18.97 -7.20
CA SER E 62 -6.68 -18.53 -8.10
C SER E 62 -7.97 -18.15 -7.33
N GLU E 63 -8.25 -18.84 -6.21
CA GLU E 63 -9.42 -18.63 -5.37
C GLU E 63 -9.02 -17.79 -4.16
N TYR E 64 -9.74 -16.67 -3.98
CA TYR E 64 -9.52 -15.72 -2.90
C TYR E 64 -10.88 -15.14 -2.45
N ILE E 65 -10.99 -14.75 -1.18
CA ILE E 65 -12.21 -14.17 -0.62
C ILE E 65 -12.61 -12.79 -1.27
N MET E 66 -13.86 -12.71 -1.72
CA MET E 66 -14.41 -11.46 -2.27
C MET E 66 -15.34 -10.84 -1.24
N GLU E 67 -15.86 -11.65 -0.29
CA GLU E 67 -16.73 -11.13 0.77
C GLU E 67 -16.71 -11.94 2.05
N VAL E 68 -16.63 -11.23 3.18
CA VAL E 68 -16.81 -11.82 4.50
C VAL E 68 -18.05 -11.16 5.04
N SER E 69 -19.03 -11.98 5.41
CA SER E 69 -20.28 -11.51 5.98
C SER E 69 -20.67 -12.36 7.23
N GLY E 70 -21.73 -11.98 7.91
CA GLY E 70 -22.15 -12.72 9.09
C GLY E 70 -23.11 -11.95 9.97
N TYR E 71 -23.30 -12.44 11.19
CA TYR E 71 -24.23 -11.88 12.18
C TYR E 71 -23.63 -11.82 13.56
N THR E 72 -23.93 -10.72 14.27
CA THR E 72 -23.55 -10.56 15.68
C THR E 72 -24.81 -10.59 16.49
N GLY E 73 -24.71 -11.06 17.73
CA GLY E 73 -25.86 -11.14 18.63
C GLY E 73 -25.52 -11.51 20.05
N LYS E 74 -26.50 -11.38 20.95
CA LYS E 74 -26.33 -11.72 22.37
C LYS E 74 -26.54 -13.21 22.63
N VAL E 75 -25.52 -13.82 23.22
CA VAL E 75 -25.45 -15.23 23.58
C VAL E 75 -24.94 -15.21 25.02
N SER E 76 -25.78 -15.65 25.98
CA SER E 76 -25.45 -15.67 27.41
C SER E 76 -24.98 -14.30 27.95
N GLY E 77 -25.60 -13.23 27.49
CA GLY E 77 -25.24 -11.90 27.94
C GLY E 77 -24.02 -11.26 27.31
N TYR E 78 -23.37 -11.96 26.35
CA TYR E 78 -22.20 -11.44 25.65
C TYR E 78 -22.52 -11.18 24.17
N VAL E 79 -22.05 -10.06 23.62
CA VAL E 79 -22.22 -9.75 22.20
C VAL E 79 -21.03 -10.42 21.55
N VAL E 80 -21.32 -11.40 20.69
CA VAL E 80 -20.33 -12.25 20.03
C VAL E 80 -20.67 -12.41 18.53
N VAL E 81 -19.77 -13.08 17.76
CA VAL E 81 -20.04 -13.36 16.33
C VAL E 81 -20.85 -14.66 16.22
N ARG E 82 -22.13 -14.53 15.87
CA ARG E 82 -23.00 -15.71 15.79
C ARG E 82 -22.80 -16.54 14.53
N SER E 83 -22.64 -15.87 13.37
CA SER E 83 -22.58 -16.54 12.08
C SER E 83 -21.53 -15.95 11.17
N LEU E 84 -20.93 -16.79 10.32
CA LEU E 84 -19.94 -16.38 9.34
C LEU E 84 -20.20 -16.99 7.96
N THR E 85 -19.95 -16.20 6.91
CA THR E 85 -20.05 -16.59 5.51
C THR E 85 -18.85 -16.00 4.75
N PHE E 86 -18.23 -16.79 3.91
CA PHE E 86 -17.06 -16.44 3.12
C PHE E 86 -17.40 -16.68 1.66
N LYS E 87 -17.42 -15.62 0.86
CA LYS E 87 -17.72 -15.78 -0.55
C LYS E 87 -16.46 -15.54 -1.35
N THR E 88 -16.13 -16.48 -2.27
CA THR E 88 -14.95 -16.36 -3.14
C THR E 88 -15.39 -16.10 -4.55
N ASN E 89 -14.44 -16.08 -5.46
CA ASN E 89 -14.68 -15.92 -6.91
C ASN E 89 -15.14 -17.24 -7.53
N LYS E 90 -15.20 -18.31 -6.72
CA LYS E 90 -15.57 -19.65 -7.14
C LYS E 90 -16.87 -20.12 -6.54
N LYS E 91 -17.02 -20.02 -5.21
CA LYS E 91 -18.24 -20.41 -4.50
C LYS E 91 -18.49 -19.65 -3.20
N THR E 92 -19.56 -20.03 -2.47
CA THR E 92 -19.95 -19.44 -1.18
C THR E 92 -19.73 -20.48 -0.11
N TYR E 93 -18.98 -20.13 0.95
CA TYR E 93 -18.73 -21.01 2.09
C TYR E 93 -19.58 -20.50 3.25
N GLY E 94 -20.61 -21.26 3.58
CA GLY E 94 -21.48 -20.87 4.67
C GLY E 94 -22.92 -20.69 4.23
N PRO E 95 -23.79 -20.12 5.08
CA PRO E 95 -23.52 -19.57 6.42
C PRO E 95 -23.18 -20.64 7.43
N TYR E 96 -22.20 -20.38 8.31
CA TYR E 96 -21.80 -21.30 9.38
C TYR E 96 -22.20 -20.66 10.70
N GLY E 97 -23.29 -21.14 11.25
CA GLY E 97 -23.95 -20.58 12.42
C GLY E 97 -25.25 -19.97 11.94
N VAL E 98 -26.20 -19.72 12.88
CA VAL E 98 -27.50 -19.16 12.48
C VAL E 98 -27.45 -17.67 12.03
N THR E 99 -28.20 -17.36 10.98
CA THR E 99 -28.30 -16.03 10.39
C THR E 99 -29.29 -15.14 11.15
N SER E 100 -28.99 -14.88 12.41
CA SER E 100 -29.81 -14.08 13.30
C SER E 100 -28.97 -13.08 14.06
N GLY E 101 -29.53 -11.90 14.24
CA GLY E 101 -28.90 -10.79 14.94
C GLY E 101 -28.67 -9.64 13.99
N THR E 102 -27.59 -8.89 14.22
CA THR E 102 -27.23 -7.77 13.38
C THR E 102 -26.36 -8.24 12.23
N PRO E 103 -26.81 -8.09 10.97
CA PRO E 103 -25.94 -8.45 9.85
C PRO E 103 -24.75 -7.51 9.73
N PHE E 104 -23.66 -8.01 9.16
CA PHE E 104 -22.45 -7.27 8.82
C PHE E 104 -21.91 -7.92 7.57
N SER E 105 -21.29 -7.14 6.70
CA SER E 105 -20.78 -7.62 5.41
C SER E 105 -19.62 -6.74 4.98
N LEU E 106 -18.53 -7.37 4.61
CA LEU E 106 -17.37 -6.68 4.07
C LEU E 106 -17.11 -7.21 2.66
N PRO E 107 -17.81 -6.67 1.63
CA PRO E 107 -17.46 -7.07 0.26
C PRO E 107 -16.19 -6.36 -0.20
N ILE E 108 -15.46 -7.00 -1.13
CA ILE E 108 -14.23 -6.44 -1.63
C ILE E 108 -14.26 -6.29 -3.15
N GLU E 109 -13.92 -5.09 -3.66
CA GLU E 109 -13.84 -4.81 -5.11
C GLU E 109 -12.41 -4.92 -5.62
N ASN E 110 -11.43 -4.54 -4.78
CA ASN E 110 -10.01 -4.62 -5.12
C ASN E 110 -9.22 -4.74 -3.85
N GLY E 111 -8.34 -5.70 -3.81
CA GLY E 111 -7.51 -6.01 -2.65
C GLY E 111 -7.83 -7.38 -2.11
N LEU E 112 -7.18 -7.74 -0.99
CA LEU E 112 -7.36 -9.09 -0.39
C LEU E 112 -7.26 -9.06 1.11
N ILE E 113 -7.89 -10.04 1.74
CA ILE E 113 -7.75 -10.24 3.18
C ILE E 113 -6.44 -10.97 3.32
N VAL E 114 -5.55 -10.41 4.15
CA VAL E 114 -4.20 -10.95 4.41
C VAL E 114 -3.97 -11.31 5.91
N GLY E 115 -5.00 -11.21 6.74
CA GLY E 115 -4.81 -11.50 8.15
C GLY E 115 -6.02 -11.25 9.01
N PHE E 116 -6.03 -11.87 10.23
CA PHE E 116 -7.09 -11.80 11.23
C PHE E 116 -6.59 -11.52 12.65
N LYS E 117 -7.43 -10.84 13.43
CA LYS E 117 -7.23 -10.49 14.83
C LYS E 117 -8.60 -10.43 15.46
N GLY E 118 -8.66 -10.54 16.79
CA GLY E 118 -9.92 -10.52 17.52
C GLY E 118 -9.79 -11.12 18.90
N SER E 119 -10.90 -11.65 19.44
CA SER E 119 -10.94 -12.21 20.78
C SER E 119 -11.87 -13.40 20.83
N ILE E 120 -11.45 -14.46 21.53
CA ILE E 120 -12.23 -15.68 21.75
C ILE E 120 -12.28 -16.02 23.24
N GLY E 121 -13.49 -16.12 23.77
CA GLY E 121 -13.74 -16.54 25.14
C GLY E 121 -14.49 -17.85 25.04
N TYR E 122 -15.79 -17.83 25.35
CA TYR E 122 -16.68 -18.95 25.15
C TYR E 122 -16.92 -19.03 23.65
N TRP E 123 -17.06 -17.85 22.98
CA TRP E 123 -17.23 -17.77 21.53
C TRP E 123 -16.39 -16.62 20.93
N LEU E 124 -16.33 -16.49 19.59
CA LEU E 124 -15.67 -15.36 18.91
C LEU E 124 -16.38 -14.05 19.32
N ASP E 125 -15.71 -13.19 20.12
CA ASP E 125 -16.26 -11.92 20.64
C ASP E 125 -16.30 -10.88 19.56
N TYR E 126 -15.18 -10.74 18.81
CA TYR E 126 -15.01 -9.82 17.70
C TYR E 126 -13.85 -10.25 16.84
N PHE E 127 -13.72 -9.61 15.68
CA PHE E 127 -12.63 -9.81 14.76
C PHE E 127 -12.44 -8.60 13.87
N SER E 128 -11.22 -8.48 13.37
CA SER E 128 -10.81 -7.47 12.40
C SER E 128 -10.03 -8.17 11.29
N MET E 129 -10.03 -7.56 10.10
CA MET E 129 -9.32 -8.07 8.95
C MET E 129 -8.31 -7.10 8.40
N TYR E 130 -7.08 -7.62 8.16
CA TYR E 130 -5.95 -6.95 7.56
C TYR E 130 -6.27 -7.02 6.05
N LEU E 131 -6.27 -5.88 5.38
CA LEU E 131 -6.50 -5.80 3.94
C LEU E 131 -5.27 -5.24 3.23
N SER E 132 -4.94 -5.83 2.07
CA SER E 132 -3.78 -5.37 1.31
C SER E 132 -4.00 -5.63 -0.16
N LEU E 133 -3.25 -4.94 -1.02
CA LEU E 133 -3.22 -5.17 -2.47
C LEU E 133 -2.24 -6.31 -2.78
N SER F 4 8.84 4.11 13.25
CA SER F 4 8.87 2.70 13.66
C SER F 4 9.29 1.75 12.51
N GLY F 5 9.93 0.64 12.89
CA GLY F 5 10.37 -0.39 11.97
C GLY F 5 9.37 -1.51 11.77
N ILE F 6 8.09 -1.29 12.16
CA ILE F 6 7.01 -2.27 11.97
C ILE F 6 6.14 -1.86 10.73
N SER F 7 5.96 -2.80 9.80
CA SER F 7 5.21 -2.64 8.56
C SER F 7 3.70 -2.55 8.83
N GLN F 8 3.09 -1.46 8.35
CA GLN F 8 1.65 -1.17 8.49
C GLN F 8 0.81 -1.75 7.38
N THR F 9 -0.42 -2.14 7.73
CA THR F 9 -1.44 -2.66 6.83
C THR F 9 -2.79 -2.06 7.20
N VAL F 10 -3.65 -1.85 6.20
CA VAL F 10 -5.02 -1.40 6.34
C VAL F 10 -5.76 -2.46 7.20
N ILE F 11 -6.43 -1.97 8.25
CA ILE F 11 -7.21 -2.82 9.13
C ILE F 11 -8.66 -2.38 9.13
N VAL F 12 -9.59 -3.31 8.84
CA VAL F 12 -11.04 -3.09 8.93
C VAL F 12 -11.63 -3.95 10.04
N GLY F 13 -12.58 -3.35 10.76
CA GLY F 13 -13.23 -3.94 11.91
C GLY F 13 -13.05 -3.03 13.10
N PRO F 14 -13.45 -3.51 14.30
CA PRO F 14 -13.98 -4.86 14.58
C PRO F 14 -15.47 -5.02 14.35
N TRP F 15 -15.89 -6.27 14.19
CA TRP F 15 -17.28 -6.65 14.11
C TRP F 15 -17.51 -7.70 15.21
N GLY F 16 -18.44 -7.40 16.10
CA GLY F 16 -18.81 -8.21 17.27
C GLY F 16 -18.95 -7.28 18.45
N ALA F 17 -18.32 -7.62 19.59
CA ALA F 17 -18.37 -6.85 20.83
C ALA F 17 -17.71 -5.48 20.70
N GLY G 1 24.14 -17.27 -11.53
CA GLY G 1 24.10 -17.56 -10.11
C GLY G 1 22.78 -18.13 -9.65
N LYS G 2 22.69 -18.60 -8.39
CA LYS G 2 21.44 -19.15 -7.92
C LYS G 2 20.53 -18.09 -7.30
N ALA G 3 19.41 -17.85 -7.99
CA ALA G 3 18.35 -16.91 -7.62
C ALA G 3 17.69 -17.27 -6.30
N PHE G 4 17.23 -16.26 -5.57
CA PHE G 4 16.51 -16.42 -4.32
C PHE G 4 15.49 -15.30 -4.22
N ASP G 5 14.48 -15.52 -3.40
CA ASP G 5 13.41 -14.58 -3.17
C ASP G 5 12.88 -14.93 -1.80
N ASP G 6 13.23 -14.12 -0.80
CA ASP G 6 12.74 -14.36 0.56
C ASP G 6 11.29 -13.91 0.69
N GLY G 7 10.87 -13.04 -0.20
CA GLY G 7 9.50 -12.53 -0.19
C GLY G 7 9.42 -11.39 0.81
N ALA G 8 8.18 -11.12 1.22
CA ALA G 8 7.74 -10.04 2.08
C ALA G 8 7.51 -10.46 3.52
N PHE G 9 7.88 -9.56 4.44
CA PHE G 9 7.75 -9.74 5.89
C PHE G 9 7.25 -8.44 6.55
N THR G 10 7.47 -8.28 7.85
CA THR G 10 6.98 -7.14 8.62
C THR G 10 8.08 -6.11 9.04
N GLY G 11 9.33 -6.45 8.74
CA GLY G 11 10.50 -5.62 9.03
C GLY G 11 11.77 -6.43 9.09
N ILE G 12 12.88 -5.80 9.54
CA ILE G 12 14.17 -6.47 9.62
C ILE G 12 14.69 -6.46 11.05
N ARG G 13 15.21 -7.60 11.52
CA ARG G 13 15.80 -7.68 12.86
C ARG G 13 17.33 -7.82 12.79
N GLU G 14 17.83 -8.56 11.79
CA GLU G 14 19.26 -8.83 11.65
C GLU G 14 19.63 -9.26 10.23
N ILE G 15 20.81 -8.81 9.76
CA ILE G 15 21.39 -9.15 8.47
C ILE G 15 22.74 -9.80 8.71
N ASN G 16 22.91 -11.00 8.13
CA ASN G 16 24.15 -11.76 8.19
C ASN G 16 24.72 -11.89 6.79
N LEU G 17 25.84 -11.22 6.53
CA LEU G 17 26.50 -11.32 5.23
C LEU G 17 27.98 -11.66 5.39
N SER G 18 28.63 -12.02 4.27
CA SER G 18 30.06 -12.30 4.20
C SER G 18 30.65 -11.62 2.97
N TYR G 19 31.90 -11.18 3.09
CA TYR G 19 32.61 -10.48 2.04
C TYR G 19 34.05 -10.91 1.98
N ASN G 20 34.67 -10.70 0.85
CA ASN G 20 36.10 -10.88 0.71
C ASN G 20 36.66 -9.52 0.27
N LYS G 21 37.67 -9.01 1.00
CA LYS G 21 38.36 -7.73 0.77
C LYS G 21 38.94 -7.55 -0.65
N GLU G 22 39.10 -8.66 -1.41
CA GLU G 22 39.63 -8.67 -2.78
C GLU G 22 38.54 -8.88 -3.83
N THR G 23 37.42 -9.59 -3.47
CA THR G 23 36.36 -9.92 -4.42
C THR G 23 35.07 -9.13 -4.24
N ALA G 24 34.06 -9.74 -3.62
CA ALA G 24 32.75 -9.16 -3.45
C ALA G 24 32.06 -9.72 -2.20
N ILE G 25 30.71 -9.61 -2.17
CA ILE G 25 29.84 -10.15 -1.13
C ILE G 25 29.60 -11.62 -1.57
N GLY G 26 29.60 -12.54 -0.61
CA GLY G 26 29.36 -13.96 -0.85
C GLY G 26 28.03 -14.36 -0.25
N ASP G 27 28.01 -14.60 1.06
CA ASP G 27 26.80 -15.01 1.77
C ASP G 27 25.80 -13.88 2.13
N PHE G 28 24.50 -14.24 2.22
CA PHE G 28 23.42 -13.29 2.56
C PHE G 28 22.26 -14.01 3.24
N GLN G 29 21.92 -13.59 4.47
CA GLN G 29 20.84 -14.18 5.26
C GLN G 29 20.20 -13.10 6.12
N VAL G 30 18.86 -13.09 6.19
CA VAL G 30 18.14 -12.11 7.00
C VAL G 30 17.28 -12.79 8.06
N VAL G 31 17.34 -12.26 9.29
CA VAL G 31 16.44 -12.66 10.35
C VAL G 31 15.36 -11.56 10.24
N TYR G 32 14.23 -11.89 9.61
CA TYR G 32 13.17 -10.90 9.39
C TYR G 32 12.24 -10.85 10.57
N ASP G 33 11.48 -9.76 10.67
CA ASP G 33 10.42 -9.69 11.66
C ASP G 33 9.13 -10.15 10.96
N LEU G 34 8.38 -11.00 11.62
CA LEU G 34 7.11 -11.48 11.13
C LEU G 34 6.12 -11.36 12.26
N ASN G 35 5.20 -10.42 12.11
CA ASN G 35 4.10 -10.18 13.03
C ASN G 35 4.47 -10.08 14.51
N GLY G 36 5.66 -9.57 14.78
CA GLY G 36 6.20 -9.36 16.11
C GLY G 36 7.20 -10.41 16.57
N SER G 37 7.36 -11.49 15.78
CA SER G 37 8.30 -12.56 16.09
C SER G 37 9.44 -12.63 15.07
N PRO G 38 10.65 -13.07 15.48
CA PRO G 38 11.74 -13.20 14.50
C PRO G 38 11.46 -14.35 13.53
N TYR G 39 11.87 -14.20 12.30
CA TYR G 39 11.66 -15.23 11.29
C TYR G 39 12.97 -15.39 10.55
N VAL G 40 13.66 -16.50 10.83
CA VAL G 40 14.96 -16.86 10.26
C VAL G 40 14.81 -17.22 8.76
N GLY G 41 15.29 -16.34 7.91
CA GLY G 41 15.29 -16.53 6.47
C GLY G 41 16.34 -17.54 6.01
N GLU G 42 16.18 -18.02 4.76
CA GLU G 42 17.06 -19.02 4.15
C GLU G 42 18.46 -18.46 4.02
N ASN G 43 19.48 -19.31 4.28
CA ASN G 43 20.85 -18.87 4.12
C ASN G 43 21.16 -18.96 2.64
N HIS G 44 21.51 -17.81 2.05
CA HIS G 44 21.90 -17.74 0.65
C HIS G 44 23.41 -17.76 0.64
N LYS G 45 23.93 -18.93 0.35
CA LYS G 45 25.35 -19.22 0.38
C LYS G 45 26.00 -19.08 -1.00
N SER G 46 27.27 -18.74 -1.00
CA SER G 46 28.04 -18.64 -2.22
C SER G 46 28.52 -20.03 -2.61
N PHE G 47 28.86 -20.19 -3.90
CA PHE G 47 29.36 -21.43 -4.48
C PHE G 47 30.77 -21.75 -3.94
N ILE G 48 31.49 -20.72 -3.44
CA ILE G 48 32.84 -20.79 -2.90
C ILE G 48 32.90 -20.44 -1.40
N THR G 49 34.09 -20.50 -0.80
CA THR G 49 34.37 -20.16 0.61
C THR G 49 35.45 -19.05 0.69
N GLY G 50 36.06 -18.87 1.87
CA GLY G 50 37.06 -17.85 2.11
C GLY G 50 36.50 -16.44 2.25
N PHE G 51 35.31 -16.31 2.88
CA PHE G 51 34.66 -15.01 3.10
C PHE G 51 34.65 -14.65 4.58
N THR G 52 34.76 -13.34 4.89
CA THR G 52 34.74 -12.79 6.26
C THR G 52 33.26 -12.63 6.67
N PRO G 53 32.79 -13.22 7.80
CA PRO G 53 31.38 -13.07 8.16
C PRO G 53 31.10 -11.86 9.05
N VAL G 54 29.93 -11.20 8.82
CA VAL G 54 29.49 -10.04 9.57
C VAL G 54 27.99 -10.13 9.90
N LYS G 55 27.65 -9.86 11.18
CA LYS G 55 26.30 -9.86 11.74
C LYS G 55 25.91 -8.40 12.00
N ILE G 56 24.75 -7.98 11.47
CA ILE G 56 24.25 -6.62 11.66
C ILE G 56 22.99 -6.76 12.52
N SER G 57 23.15 -6.71 13.86
CA SER G 57 22.03 -6.83 14.79
C SER G 57 21.34 -5.49 15.02
N LEU G 58 20.05 -5.42 14.66
CA LEU G 58 19.27 -4.20 14.82
C LEU G 58 18.46 -4.13 16.10
N ASP G 59 18.38 -2.91 16.65
CA ASP G 59 17.61 -2.55 17.83
C ASP G 59 16.14 -2.35 17.39
N PHE G 60 15.55 -3.43 16.82
CA PHE G 60 14.19 -3.50 16.29
C PHE G 60 13.19 -3.32 17.46
N PRO G 61 12.04 -2.59 17.27
CA PRO G 61 11.59 -1.89 16.06
C PRO G 61 12.02 -0.43 15.95
N SER G 62 12.69 0.11 16.98
CA SER G 62 13.12 1.51 17.03
C SER G 62 14.20 1.85 15.99
N GLU G 63 15.04 0.86 15.65
CA GLU G 63 16.09 0.99 14.65
C GLU G 63 15.66 0.31 13.38
N TYR G 64 15.71 1.06 12.29
CA TYR G 64 15.33 0.55 10.97
C TYR G 64 16.23 1.11 9.86
N ILE G 65 16.29 0.43 8.72
CA ILE G 65 17.12 0.91 7.60
C ILE G 65 16.45 2.07 6.85
N MET G 66 17.24 3.15 6.66
CA MET G 66 16.88 4.38 5.97
C MET G 66 17.58 4.44 4.59
N GLU G 67 18.74 3.79 4.46
CA GLU G 67 19.47 3.74 3.20
C GLU G 67 20.30 2.46 3.05
N VAL G 68 20.31 1.92 1.82
CA VAL G 68 21.16 0.80 1.41
C VAL G 68 21.92 1.34 0.21
N SER G 69 23.22 1.32 0.27
CA SER G 69 24.08 1.74 -0.84
C SER G 69 25.21 0.70 -1.00
N GLY G 70 25.98 0.84 -2.05
CA GLY G 70 27.06 -0.06 -2.34
C GLY G 70 27.64 0.15 -3.71
N TYR G 71 28.36 -0.89 -4.20
CA TYR G 71 29.09 -0.88 -5.46
C TYR G 71 28.89 -2.15 -6.24
N THR G 72 28.76 -1.99 -7.56
CA THR G 72 28.65 -3.08 -8.52
C THR G 72 29.90 -2.89 -9.39
N GLY G 73 30.57 -3.96 -9.72
CA GLY G 73 31.77 -3.93 -10.51
C GLY G 73 32.04 -5.30 -11.09
N LYS G 74 33.13 -5.41 -11.83
CA LYS G 74 33.49 -6.67 -12.46
C LYS G 74 34.53 -7.43 -11.65
N VAL G 75 34.22 -8.69 -11.30
CA VAL G 75 35.12 -9.61 -10.58
C VAL G 75 35.14 -10.86 -11.45
N SER G 76 36.35 -11.23 -11.98
CA SER G 76 36.60 -12.38 -12.86
C SER G 76 35.64 -12.42 -14.10
N GLY G 77 35.31 -11.26 -14.65
CA GLY G 77 34.44 -11.15 -15.81
C GLY G 77 32.95 -11.10 -15.52
N TYR G 78 32.60 -11.05 -14.23
CA TYR G 78 31.20 -11.00 -13.81
C TYR G 78 30.87 -9.69 -13.13
N VAL G 79 29.78 -9.04 -13.54
CA VAL G 79 29.30 -7.85 -12.82
C VAL G 79 28.61 -8.42 -11.58
N VAL G 80 29.12 -8.10 -10.40
CA VAL G 80 28.57 -8.59 -9.13
C VAL G 80 28.43 -7.41 -8.17
N VAL G 81 27.74 -7.60 -7.02
CA VAL G 81 27.66 -6.60 -5.95
C VAL G 81 28.92 -6.79 -5.10
N ARG G 82 29.85 -5.82 -5.23
CA ARG G 82 31.16 -5.86 -4.58
C ARG G 82 31.15 -5.39 -3.17
N SER G 83 30.27 -4.40 -2.87
CA SER G 83 30.18 -3.76 -1.57
C SER G 83 28.74 -3.42 -1.19
N LEU G 84 28.46 -3.41 0.14
CA LEU G 84 27.16 -3.12 0.74
C LEU G 84 27.30 -2.31 2.04
N THR G 85 26.44 -1.31 2.20
CA THR G 85 26.40 -0.44 3.39
C THR G 85 24.96 -0.28 3.80
N PHE G 86 24.66 -0.61 5.09
CA PHE G 86 23.32 -0.48 5.65
C PHE G 86 23.31 0.66 6.62
N LYS G 87 22.54 1.69 6.27
CA LYS G 87 22.45 2.88 7.10
C LYS G 87 21.09 2.99 7.80
N THR G 88 21.13 2.99 9.14
CA THR G 88 19.94 3.07 9.97
C THR G 88 19.77 4.49 10.53
N ASN G 89 18.67 4.72 11.28
CA ASN G 89 18.38 5.99 11.94
C ASN G 89 19.29 6.17 13.18
N LYS G 90 20.04 5.11 13.52
CA LYS G 90 20.94 5.05 14.67
C LYS G 90 22.44 4.79 14.37
N LYS G 91 22.77 4.07 13.26
CA LYS G 91 24.15 3.71 12.92
C LYS G 91 24.35 3.42 11.43
N THR G 92 25.61 3.55 10.94
CA THR G 92 26.05 3.22 9.57
C THR G 92 26.83 1.90 9.69
N TYR G 93 26.35 0.85 9.02
CA TYR G 93 26.98 -0.46 9.02
C TYR G 93 27.63 -0.67 7.67
N GLY G 94 28.95 -0.43 7.64
CA GLY G 94 29.76 -0.59 6.45
C GLY G 94 30.79 0.49 6.17
N PRO G 95 31.38 0.45 4.94
CA PRO G 95 31.07 -0.48 3.84
C PRO G 95 31.59 -1.90 4.05
N TYR G 96 30.86 -2.90 3.54
CA TYR G 96 31.36 -4.28 3.59
C TYR G 96 31.76 -4.69 2.17
N GLY G 97 32.99 -5.20 2.02
CA GLY G 97 33.55 -5.62 0.74
C GLY G 97 34.46 -4.60 0.10
N VAL G 98 34.54 -4.64 -1.26
CA VAL G 98 35.35 -3.76 -2.11
C VAL G 98 34.51 -2.59 -2.62
N THR G 99 34.88 -1.36 -2.21
CA THR G 99 34.19 -0.15 -2.65
C THR G 99 34.76 0.35 -4.00
N SER G 100 34.69 -0.53 -5.03
CA SER G 100 35.18 -0.25 -6.36
C SER G 100 34.16 -0.63 -7.42
N GLY G 101 34.10 0.19 -8.46
CA GLY G 101 33.20 0.00 -9.59
C GLY G 101 32.17 1.10 -9.69
N THR G 102 30.91 0.73 -9.91
CA THR G 102 29.87 1.75 -10.00
C THR G 102 29.00 1.83 -8.73
N PRO G 103 28.82 3.03 -8.13
CA PRO G 103 27.95 3.12 -6.96
C PRO G 103 26.46 3.13 -7.30
N PHE G 104 25.63 2.70 -6.32
CA PHE G 104 24.15 2.68 -6.35
C PHE G 104 23.71 3.00 -4.92
N SER G 105 22.57 3.67 -4.75
CA SER G 105 22.12 4.03 -3.41
C SER G 105 20.63 4.08 -3.32
N LEU G 106 20.07 3.43 -2.30
CA LEU G 106 18.64 3.49 -2.07
C LEU G 106 18.33 4.24 -0.78
N PRO G 107 18.15 5.59 -0.82
CA PRO G 107 17.73 6.30 0.40
C PRO G 107 16.19 6.24 0.56
N ILE G 108 15.71 6.01 1.80
CA ILE G 108 14.27 5.91 2.05
C ILE G 108 13.76 7.11 2.83
N GLU G 109 12.74 7.80 2.30
CA GLU G 109 12.17 8.97 2.93
C GLU G 109 10.95 8.62 3.72
N ASN G 110 10.24 7.56 3.27
CA ASN G 110 9.06 6.98 3.87
C ASN G 110 8.92 5.54 3.37
N GLY G 111 8.73 4.62 4.31
CA GLY G 111 8.59 3.20 4.02
C GLY G 111 9.70 2.38 4.65
N LEU G 112 9.65 1.06 4.47
CA LEU G 112 10.65 0.18 5.06
C LEU G 112 11.01 -0.92 4.12
N ILE G 113 12.25 -1.46 4.21
CA ILE G 113 12.69 -2.65 3.50
C ILE G 113 12.09 -3.83 4.29
N VAL G 114 11.26 -4.65 3.62
CA VAL G 114 10.58 -5.79 4.24
C VAL G 114 10.93 -7.17 3.61
N GLY G 115 11.79 -7.15 2.59
CA GLY G 115 12.20 -8.38 1.92
C GLY G 115 13.35 -8.20 0.95
N PHE G 116 14.05 -9.29 0.65
CA PHE G 116 15.18 -9.33 -0.26
C PHE G 116 15.03 -10.47 -1.20
N LYS G 117 15.46 -10.22 -2.44
CA LYS G 117 15.52 -11.20 -3.51
C LYS G 117 16.81 -10.91 -4.26
N GLY G 118 17.21 -11.84 -5.09
CA GLY G 118 18.39 -11.66 -5.92
C GLY G 118 18.94 -12.97 -6.43
N SER G 119 20.28 -13.02 -6.57
CA SER G 119 21.00 -14.16 -7.11
C SER G 119 22.39 -14.21 -6.52
N ILE G 120 22.90 -15.42 -6.26
CA ILE G 120 24.26 -15.68 -5.75
C ILE G 120 24.90 -16.88 -6.47
N GLY G 121 25.98 -16.59 -7.18
CA GLY G 121 26.83 -17.60 -7.80
C GLY G 121 28.06 -17.71 -6.91
N TYR G 122 29.24 -17.30 -7.42
CA TYR G 122 30.45 -17.24 -6.59
C TYR G 122 30.29 -16.05 -5.65
N TRP G 123 29.56 -15.01 -6.12
CA TRP G 123 29.31 -13.77 -5.40
C TRP G 123 27.87 -13.29 -5.57
N LEU G 124 27.46 -12.23 -4.84
CA LEU G 124 26.11 -11.68 -4.95
C LEU G 124 26.04 -11.04 -6.33
N ASP G 125 25.26 -11.65 -7.23
CA ASP G 125 25.16 -11.18 -8.63
C ASP G 125 24.41 -9.88 -8.70
N TYR G 126 23.25 -9.87 -8.01
CA TYR G 126 22.35 -8.74 -7.94
C TYR G 126 21.38 -8.95 -6.81
N PHE G 127 20.70 -7.86 -6.43
CA PHE G 127 19.64 -7.90 -5.43
C PHE G 127 18.56 -6.84 -5.65
N SER G 128 17.35 -7.09 -5.10
CA SER G 128 16.22 -6.18 -5.08
C SER G 128 15.66 -6.18 -3.65
N MET G 129 14.86 -5.16 -3.33
CA MET G 129 14.25 -5.03 -2.02
C MET G 129 12.80 -4.66 -2.16
N TYR G 130 12.02 -5.31 -1.31
CA TYR G 130 10.58 -5.15 -1.14
C TYR G 130 10.40 -3.96 -0.22
N LEU G 131 9.58 -3.00 -0.62
CA LEU G 131 9.35 -1.80 0.18
C LEU G 131 7.92 -1.74 0.59
N SER G 132 7.65 -1.49 1.86
CA SER G 132 6.27 -1.34 2.33
C SER G 132 6.13 -0.23 3.32
N LEU G 133 4.90 0.30 3.44
CA LEU G 133 4.60 1.29 4.46
C LEU G 133 4.45 0.54 5.79
N GLN H 3 -7.81 -10.07 -10.64
CA GLN H 3 -6.59 -10.23 -9.85
C GLN H 3 -6.39 -11.72 -9.39
N SER H 4 -5.41 -11.98 -8.48
CA SER H 4 -5.10 -13.29 -7.87
C SER H 4 -5.07 -13.18 -6.32
N GLY H 5 -4.91 -14.31 -5.64
CA GLY H 5 -4.85 -14.38 -4.18
C GLY H 5 -3.54 -13.93 -3.53
N ILE H 6 -2.56 -13.51 -4.31
CA ILE H 6 -1.25 -13.13 -3.79
C ILE H 6 -1.14 -11.64 -3.50
N SER H 7 -0.83 -11.28 -2.26
CA SER H 7 -0.59 -9.89 -1.86
C SER H 7 0.65 -9.37 -2.60
N GLN H 8 0.62 -8.12 -3.05
CA GLN H 8 1.73 -7.49 -3.77
C GLN H 8 2.43 -6.47 -2.91
N THR H 9 3.67 -6.11 -3.30
CA THR H 9 4.56 -5.15 -2.64
C THR H 9 5.41 -4.48 -3.70
N VAL H 10 5.74 -3.20 -3.47
CA VAL H 10 6.64 -2.37 -4.26
C VAL H 10 8.01 -3.05 -4.23
N ILE H 11 8.61 -3.26 -5.40
CA ILE H 11 9.94 -3.86 -5.49
C ILE H 11 10.82 -2.92 -6.30
N VAL H 12 11.93 -2.50 -5.68
CA VAL H 12 12.98 -1.66 -6.26
C VAL H 12 14.21 -2.50 -6.50
N GLY H 13 14.78 -2.38 -7.68
CA GLY H 13 15.96 -3.14 -8.10
C GLY H 13 15.75 -3.73 -9.47
N PRO H 14 16.64 -4.61 -9.95
CA PRO H 14 17.83 -5.13 -9.27
C PRO H 14 19.07 -4.30 -9.51
N TRP H 15 20.04 -4.40 -8.59
CA TRP H 15 21.34 -3.77 -8.75
C TRP H 15 22.41 -4.88 -8.81
N GLY H 16 23.27 -4.80 -9.82
CA GLY H 16 24.30 -5.80 -10.08
C GLY H 16 24.24 -6.32 -11.50
N ALA H 17 24.46 -7.64 -11.70
CA ALA H 17 24.47 -8.30 -13.01
C ALA H 17 23.23 -8.04 -13.86
#